data_5L9Q
#
_entry.id   5L9Q
#
_cell.length_a   47.342
_cell.length_b   95.714
_cell.length_c   54.734
_cell.angle_alpha   90.00
_cell.angle_beta   115.59
_cell.angle_gamma   90.00
#
_symmetry.space_group_name_H-M   'P 1 21 1'
#
loop_
_entity.id
_entity.type
_entity.pdbx_description
1 polymer 'MACROD-TYPE MACRODOMAIN'
2 non-polymer "ADENOSINE-5'-DIPHOSPHATE"
3 non-polymer 'SULFATE ION'
4 water water
#
_entity_poly.entity_id   1
_entity_poly.type   'polypeptide(L)'
_entity_poly.pdbx_seq_one_letter_code
;MGSSHHHHHHSSGLVPRGSHMASMKHNINDNTLEIVVGDITKETTNVIVNAANGSLLGGGGVDGAIHHAAGPELLKACQE
MRNNELNGEELPTGEVIITSGFQLPSRFIIHTVGPIWNQTPDLQEELLANCYRNALELVKVKKLSSISFPSISTGVYGYP
IHEAAAIALQTIIQFLQENDVGLVKVVLFSERDYSIYQEKLKYLIEKI
;
_entity_poly.pdbx_strand_id   A,B
#
# COMPACT_ATOMS: atom_id res chain seq x y z
N SER A 19 -21.89 2.40 3.40
CA SER A 19 -22.77 1.38 2.75
C SER A 19 -22.39 -0.03 3.20
N HIS A 20 -23.36 -0.95 3.14
CA HIS A 20 -23.09 -2.36 3.48
C HIS A 20 -22.29 -3.05 2.39
N MET A 21 -21.30 -3.84 2.82
CA MET A 21 -20.51 -4.69 1.95
C MET A 21 -20.67 -6.15 2.38
N ALA A 22 -21.40 -6.93 1.59
CA ALA A 22 -21.55 -8.35 1.82
C ALA A 22 -20.19 -9.04 1.77
N SER A 23 -20.00 -10.03 2.64
CA SER A 23 -18.76 -10.81 2.70
C SER A 23 -19.00 -12.20 3.28
N MET A 24 -18.20 -13.16 2.84
CA MET A 24 -18.12 -14.47 3.53
C MET A 24 -16.72 -15.04 3.36
N LYS A 25 -16.33 -15.88 4.30
CA LYS A 25 -14.98 -16.42 4.40
C LYS A 25 -15.02 -17.92 4.64
N HIS A 26 -14.01 -18.62 4.13
CA HIS A 26 -13.84 -20.04 4.39
C HIS A 26 -12.37 -20.35 4.52
N ASN A 27 -12.03 -21.11 5.56
CA ASN A 27 -10.67 -21.53 5.82
C ASN A 27 -10.39 -22.83 5.07
N ILE A 28 -9.26 -22.86 4.36
CA ILE A 28 -8.81 -24.03 3.61
C ILE A 28 -7.40 -24.27 4.10
N ASN A 29 -7.25 -25.29 4.95
CA ASN A 29 -6.02 -25.53 5.71
C ASN A 29 -5.61 -24.26 6.48
N ASP A 30 -4.39 -23.76 6.32
CA ASP A 30 -4.01 -22.50 6.98
C ASP A 30 -4.35 -21.25 6.13
N ASN A 31 -4.99 -21.45 4.97
CA ASN A 31 -5.42 -20.32 4.13
C ASN A 31 -6.85 -19.89 4.43
N THR A 32 -7.19 -18.68 4.00
CA THR A 32 -8.57 -18.17 4.08
C THR A 32 -8.96 -17.61 2.71
N LEU A 33 -10.11 -18.06 2.22
CA LEU A 33 -10.72 -17.56 0.99
C LEU A 33 -11.88 -16.67 1.40
N GLU A 34 -11.88 -15.42 0.93
CA GLU A 34 -12.93 -14.45 1.23
C GLU A 34 -13.53 -13.94 -0.06
N ILE A 35 -14.85 -13.83 -0.08
CA ILE A 35 -15.53 -13.09 -1.15
C ILE A 35 -16.16 -11.88 -0.51
N VAL A 36 -16.06 -10.74 -1.21
CA VAL A 36 -16.56 -9.47 -0.72
C VAL A 36 -17.09 -8.58 -1.85
N VAL A 37 -18.02 -7.70 -1.51
CA VAL A 37 -18.40 -6.60 -2.37
C VAL A 37 -17.46 -5.43 -2.06
N GLY A 38 -16.90 -4.84 -3.11
CA GLY A 38 -16.06 -3.68 -2.90
C GLY A 38 -15.37 -3.16 -4.13
N ASP A 39 -14.51 -2.19 -3.89
CA ASP A 39 -13.69 -1.56 -4.91
C ASP A 39 -12.27 -2.09 -4.66
N ILE A 40 -11.76 -2.85 -5.62
CA ILE A 40 -10.46 -3.50 -5.49
C ILE A 40 -9.30 -2.51 -5.29
N THR A 41 -9.45 -1.28 -5.78
CA THR A 41 -8.41 -0.25 -5.61
C THR A 41 -8.22 0.19 -4.15
N LYS A 42 -9.20 -0.12 -3.30
CA LYS A 42 -9.15 0.22 -1.88
C LYS A 42 -8.63 -0.92 -1.00
N GLU A 43 -8.34 -2.09 -1.59
CA GLU A 43 -7.89 -3.26 -0.81
C GLU A 43 -6.46 -3.07 -0.33
N THR A 44 -6.22 -3.43 0.94
CA THR A 44 -4.89 -3.33 1.53
C THR A 44 -4.14 -4.69 1.58
N THR A 45 -4.50 -5.62 0.70
CA THR A 45 -3.75 -6.86 0.51
C THR A 45 -2.37 -6.57 -0.08
N ASN A 46 -1.43 -7.49 0.10
CA ASN A 46 -0.09 -7.35 -0.44
C ASN A 46 -0.14 -7.13 -1.95
N VAL A 47 -1.02 -7.87 -2.63
CA VAL A 47 -1.12 -7.82 -4.08
C VAL A 47 -2.57 -7.56 -4.48
N ILE A 48 -2.77 -6.73 -5.49
CA ILE A 48 -4.06 -6.72 -6.21
C ILE A 48 -3.85 -7.10 -7.66
N VAL A 49 -4.83 -7.80 -8.23
CA VAL A 49 -4.75 -8.31 -9.58
C VAL A 49 -5.55 -7.38 -10.48
N ASN A 50 -4.93 -6.95 -11.56
CA ASN A 50 -5.59 -6.19 -12.61
C ASN A 50 -6.00 -7.14 -13.74
N ALA A 51 -7.28 -7.10 -14.14
CA ALA A 51 -7.74 -7.71 -15.39
C ALA A 51 -7.37 -6.74 -16.50
N ALA A 52 -6.13 -6.89 -16.96
CA ALA A 52 -5.49 -5.98 -17.88
C ALA A 52 -5.88 -6.24 -19.33
N ASN A 53 -5.55 -5.28 -20.18
CA ASN A 53 -5.68 -5.43 -21.62
C ASN A 53 -4.35 -5.95 -22.13
N GLY A 54 -4.39 -6.78 -23.18
CA GLY A 54 -3.19 -7.35 -23.79
C GLY A 54 -2.14 -6.31 -24.19
N SER A 55 -2.60 -5.14 -24.63
CA SER A 55 -1.70 -4.04 -25.01
C SER A 55 -0.99 -3.38 -23.81
N LEU A 56 -1.42 -3.73 -22.59
CA LEU A 56 -1.02 -3.07 -21.36
C LEU A 56 -1.28 -1.56 -21.36
N LEU A 57 -2.24 -1.13 -22.18
CA LEU A 57 -2.67 0.26 -22.21
C LEU A 57 -3.84 0.32 -21.25
N GLY A 58 -4.08 1.51 -20.72
CA GLY A 58 -5.14 1.72 -19.73
C GLY A 58 -6.49 1.86 -20.43
N GLY A 59 -7.49 1.13 -19.92
CA GLY A 59 -8.84 1.13 -20.47
C GLY A 59 -9.84 1.69 -19.48
N GLY A 60 -11.08 1.27 -19.62
CA GLY A 60 -12.11 1.51 -18.62
C GLY A 60 -12.17 0.32 -17.70
N GLY A 61 -13.31 0.20 -17.00
CA GLY A 61 -13.54 -0.92 -16.11
C GLY A 61 -12.57 -0.96 -14.94
N VAL A 62 -12.26 -2.17 -14.48
CA VAL A 62 -11.40 -2.32 -13.31
C VAL A 62 -9.98 -1.87 -13.66
N ASP A 63 -9.53 -2.16 -14.88
CA ASP A 63 -8.22 -1.67 -15.34
C ASP A 63 -8.15 -0.15 -15.30
N GLY A 64 -9.20 0.51 -15.79
CA GLY A 64 -9.29 1.99 -15.68
C GLY A 64 -9.29 2.50 -14.25
N ALA A 65 -10.02 1.81 -13.37
CA ALA A 65 -10.06 2.18 -11.96
C ALA A 65 -8.68 2.07 -11.32
N ILE A 66 -8.00 0.95 -11.56
CA ILE A 66 -6.64 0.70 -11.08
C ILE A 66 -5.67 1.75 -11.58
N HIS A 67 -5.72 2.12 -12.87
CA HIS A 67 -4.82 3.15 -13.39
C HIS A 67 -5.10 4.50 -12.71
N HIS A 68 -6.37 4.85 -12.57
CA HIS A 68 -6.73 6.12 -11.94
C HIS A 68 -6.25 6.16 -10.48
N ALA A 69 -6.44 5.06 -9.76
CA ALA A 69 -6.04 5.00 -8.33
C ALA A 69 -4.52 4.88 -8.13
N ALA A 70 -3.85 4.13 -9.01
CA ALA A 70 -2.38 3.96 -8.92
C ALA A 70 -1.60 5.23 -9.32
N GLY A 71 -2.20 6.09 -10.14
CA GLY A 71 -1.52 7.27 -10.71
C GLY A 71 -0.76 6.97 -11.99
N PRO A 72 -0.22 8.02 -12.66
CA PRO A 72 0.38 7.90 -14.01
C PRO A 72 1.66 7.05 -14.13
N GLU A 73 2.32 6.73 -13.01
CA GLU A 73 3.52 5.89 -13.04
C GLU A 73 3.21 4.44 -13.45
N LEU A 74 1.96 3.99 -13.27
CA LEU A 74 1.62 2.60 -13.61
C LEU A 74 1.73 2.31 -15.09
N LEU A 75 1.02 3.12 -15.89
CA LEU A 75 1.04 2.98 -17.35
C LEU A 75 2.48 3.03 -17.86
N LYS A 76 3.27 3.97 -17.34
CA LYS A 76 4.67 4.09 -17.74
C LYS A 76 5.46 2.82 -17.45
N ALA A 77 5.29 2.27 -16.25
CA ALA A 77 5.94 1.00 -15.88
C ALA A 77 5.54 -0.14 -16.80
N CYS A 78 4.25 -0.29 -17.02
CA CYS A 78 3.75 -1.38 -17.85
C CYS A 78 4.24 -1.29 -19.29
N GLN A 79 4.29 -0.06 -19.84
CA GLN A 79 4.75 0.13 -21.22
C GLN A 79 6.26 -0.12 -21.36
N GLU A 80 7.04 0.25 -20.34
CA GLU A 80 8.46 -0.09 -20.29
C GLU A 80 8.64 -1.60 -20.31
N MET A 81 7.82 -2.32 -19.56
CA MET A 81 7.87 -3.78 -19.55
C MET A 81 7.44 -4.38 -20.88
N ARG A 82 6.43 -3.78 -21.51
CA ARG A 82 6.04 -4.20 -22.85
C ARG A 82 7.20 -4.04 -23.85
N ASN A 83 7.88 -2.90 -23.79
CA ASN A 83 8.98 -2.61 -24.73
C ASN A 83 10.22 -3.44 -24.47
N ASN A 84 10.48 -3.75 -23.21
CA ASN A 84 11.69 -4.51 -22.85
C ASN A 84 11.41 -6.00 -22.75
N GLU A 85 10.93 -6.49 -21.61
CA GLU A 85 10.83 -7.95 -21.44
C GLU A 85 9.87 -8.64 -22.44
N LEU A 86 8.81 -7.94 -22.86
CA LEU A 86 7.89 -8.48 -23.89
C LEU A 86 8.28 -8.14 -25.35
N ASN A 87 9.27 -7.27 -25.55
CA ASN A 87 9.74 -6.87 -26.88
C ASN A 87 8.57 -6.48 -27.81
N GLY A 88 7.66 -5.65 -27.27
CA GLY A 88 6.50 -5.14 -28.01
C GLY A 88 5.32 -6.07 -28.24
N GLU A 89 5.42 -7.32 -27.75
CA GLU A 89 4.32 -8.28 -27.88
C GLU A 89 3.26 -7.93 -26.85
N GLU A 90 2.06 -8.44 -27.07
CA GLU A 90 0.99 -8.33 -26.06
C GLU A 90 1.26 -9.31 -24.93
N LEU A 91 0.71 -9.01 -23.75
CA LEU A 91 0.72 -9.95 -22.64
C LEU A 91 -0.25 -11.07 -23.03
N PRO A 92 0.24 -12.33 -23.14
CA PRO A 92 -0.66 -13.42 -23.59
C PRO A 92 -1.74 -13.77 -22.57
N THR A 93 -2.87 -14.21 -23.11
CA THR A 93 -4.02 -14.59 -22.30
C THR A 93 -3.62 -15.64 -21.26
N GLY A 94 -3.96 -15.37 -20.01
CA GLY A 94 -3.68 -16.28 -18.91
C GLY A 94 -2.32 -16.14 -18.28
N GLU A 95 -1.46 -15.30 -18.85
CA GLU A 95 -0.13 -15.06 -18.32
C GLU A 95 -0.13 -13.81 -17.42
N VAL A 96 0.96 -13.63 -16.69
CA VAL A 96 1.06 -12.53 -15.72
C VAL A 96 2.36 -11.76 -15.82
N ILE A 97 2.30 -10.46 -15.48
CA ILE A 97 3.48 -9.68 -15.11
C ILE A 97 3.20 -9.01 -13.76
N ILE A 98 4.24 -8.46 -13.13
CA ILE A 98 4.08 -7.82 -11.84
C ILE A 98 4.74 -6.45 -11.86
N THR A 99 4.05 -5.47 -11.29
CA THR A 99 4.59 -4.13 -11.09
C THR A 99 4.37 -3.78 -9.63
N SER A 100 4.99 -2.67 -9.23
CA SER A 100 4.65 -2.04 -7.96
C SER A 100 3.22 -1.59 -7.91
N GLY A 101 2.76 -1.30 -6.71
CA GLY A 101 1.43 -0.79 -6.48
C GLY A 101 1.29 0.72 -6.65
N PHE A 102 2.40 1.45 -6.73
CA PHE A 102 2.38 2.89 -6.88
C PHE A 102 1.47 3.56 -5.83
N GLN A 103 0.42 4.31 -6.21
CA GLN A 103 -0.48 4.97 -5.25
C GLN A 103 -1.61 4.05 -4.69
N LEU A 104 -1.65 2.79 -5.10
CA LEU A 104 -2.58 1.83 -4.50
C LEU A 104 -2.08 1.48 -3.11
N PRO A 105 -3.01 1.13 -2.19
CA PRO A 105 -2.58 0.66 -0.87
C PRO A 105 -1.90 -0.72 -0.87
N SER A 106 -1.79 -1.40 -2.02
CA SER A 106 -1.07 -2.67 -2.13
C SER A 106 0.41 -2.47 -2.51
N ARG A 107 1.23 -3.44 -2.15
CA ARG A 107 2.65 -3.43 -2.51
C ARG A 107 2.87 -3.68 -4.01
N PHE A 108 2.08 -4.58 -4.61
CA PHE A 108 2.27 -5.00 -6.00
C PHE A 108 0.94 -5.11 -6.71
N ILE A 109 0.98 -4.99 -8.04
CA ILE A 109 -0.16 -5.28 -8.90
C ILE A 109 0.30 -6.42 -9.83
N ILE A 110 -0.43 -7.52 -9.83
CA ILE A 110 -0.24 -8.54 -10.84
C ILE A 110 -1.23 -8.29 -11.97
N HIS A 111 -0.69 -8.13 -13.17
CA HIS A 111 -1.49 -7.85 -14.37
C HIS A 111 -1.66 -9.15 -15.10
N THR A 112 -2.90 -9.45 -15.48
CA THR A 112 -3.20 -10.65 -16.23
C THR A 112 -4.26 -10.34 -17.26
N VAL A 113 -4.30 -11.14 -18.30
CA VAL A 113 -5.26 -10.93 -19.38
C VAL A 113 -6.14 -12.14 -19.39
N GLY A 114 -7.44 -11.94 -19.16
CA GLY A 114 -8.40 -13.04 -19.23
C GLY A 114 -8.84 -13.29 -20.66
N PRO A 115 -9.45 -14.44 -20.90
CA PRO A 115 -9.96 -14.71 -22.24
C PRO A 115 -11.14 -13.80 -22.62
N ILE A 116 -11.22 -13.46 -23.91
CA ILE A 116 -12.40 -12.80 -24.46
C ILE A 116 -13.37 -13.93 -24.80
N TRP A 117 -14.58 -13.87 -24.27
CA TRP A 117 -15.56 -14.97 -24.34
C TRP A 117 -15.79 -15.50 -25.77
N ASN A 118 -15.53 -16.80 -25.95
CA ASN A 118 -15.73 -17.54 -27.21
C ASN A 118 -14.81 -17.18 -28.39
N GLN A 119 -13.76 -16.39 -28.16
CA GLN A 119 -12.70 -16.20 -29.16
C GLN A 119 -11.97 -17.53 -29.39
N THR A 120 -11.70 -18.27 -28.30
CA THR A 120 -11.05 -19.56 -28.36
C THR A 120 -11.79 -20.56 -27.45
N PRO A 121 -12.98 -21.05 -27.89
CA PRO A 121 -13.84 -21.86 -27.01
C PRO A 121 -13.18 -23.10 -26.38
N ASP A 122 -12.34 -23.79 -27.13
CA ASP A 122 -11.68 -25.02 -26.65
C ASP A 122 -10.67 -24.80 -25.52
N LEU A 123 -10.06 -23.62 -25.47
CA LEU A 123 -8.99 -23.32 -24.51
C LEU A 123 -9.39 -22.37 -23.39
N GLN A 124 -10.51 -21.68 -23.51
CA GLN A 124 -10.83 -20.52 -22.66
C GLN A 124 -11.04 -20.84 -21.18
N GLU A 125 -11.57 -22.03 -20.85
CA GLU A 125 -11.67 -22.47 -19.45
C GLU A 125 -10.29 -22.60 -18.81
N GLU A 126 -9.38 -23.27 -19.53
CA GLU A 126 -7.99 -23.43 -19.10
C GLU A 126 -7.26 -22.09 -18.98
N LEU A 127 -7.48 -21.21 -19.95
CA LEU A 127 -6.82 -19.89 -19.99
C LEU A 127 -7.28 -19.01 -18.85
N LEU A 128 -8.59 -18.99 -18.58
CA LEU A 128 -9.08 -18.27 -17.40
C LEU A 128 -8.47 -18.83 -16.10
N ALA A 129 -8.48 -20.16 -15.95
CA ALA A 129 -7.85 -20.79 -14.79
C ALA A 129 -6.38 -20.37 -14.65
N ASN A 130 -5.67 -20.29 -15.77
CA ASN A 130 -4.26 -19.87 -15.78
C ASN A 130 -4.03 -18.53 -15.11
N CYS A 131 -4.95 -17.58 -15.30
CA CYS A 131 -4.83 -16.25 -14.67
C CYS A 131 -4.68 -16.42 -13.16
N TYR A 132 -5.55 -17.24 -12.59
CA TYR A 132 -5.59 -17.43 -11.14
C TYR A 132 -4.36 -18.22 -10.66
N ARG A 133 -4.09 -19.34 -11.32
CA ARG A 133 -2.94 -20.20 -10.99
C ARG A 133 -1.60 -19.48 -11.06
N ASN A 134 -1.38 -18.77 -12.15
CA ASN A 134 -0.14 -18.04 -12.38
C ASN A 134 0.03 -16.90 -11.38
N ALA A 135 -1.06 -16.18 -11.11
CA ALA A 135 -1.01 -15.14 -10.08
C ALA A 135 -0.71 -15.70 -8.68
N LEU A 136 -1.31 -16.85 -8.34
CA LEU A 136 -1.12 -17.45 -7.01
C LEU A 136 0.30 -18.01 -6.84
N GLU A 137 0.84 -18.61 -7.91
CA GLU A 137 2.23 -19.09 -7.88
C GLU A 137 3.22 -17.95 -7.69
N LEU A 138 2.95 -16.82 -8.33
CA LEU A 138 3.78 -15.63 -8.17
C LEU A 138 3.71 -15.09 -6.72
N VAL A 139 2.52 -15.06 -6.13
CA VAL A 139 2.38 -14.74 -4.69
C VAL A 139 3.28 -15.65 -3.83
N LYS A 140 3.25 -16.94 -4.12
CA LYS A 140 4.10 -17.92 -3.40
C LYS A 140 5.59 -17.64 -3.55
N VAL A 141 6.03 -17.51 -4.80
CA VAL A 141 7.44 -17.23 -5.15
C VAL A 141 7.95 -16.04 -4.35
N LYS A 142 7.19 -14.94 -4.36
CA LYS A 142 7.62 -13.72 -3.67
C LYS A 142 7.39 -13.71 -2.15
N LYS A 143 6.90 -14.83 -1.58
CA LYS A 143 6.58 -14.95 -0.15
C LYS A 143 5.69 -13.81 0.33
N LEU A 144 4.67 -13.53 -0.48
CA LEU A 144 3.63 -12.60 -0.14
C LEU A 144 2.50 -13.49 0.38
N SER A 145 1.62 -12.89 1.16
CA SER A 145 0.68 -13.65 1.97
C SER A 145 -0.77 -13.19 1.80
N SER A 146 -1.03 -12.23 0.91
CA SER A 146 -2.39 -11.81 0.65
C SER A 146 -2.54 -11.26 -0.76
N ILE A 147 -3.67 -11.57 -1.38
CA ILE A 147 -3.95 -11.19 -2.77
C ILE A 147 -5.44 -11.00 -2.99
N SER A 148 -5.79 -9.97 -3.77
CA SER A 148 -7.18 -9.71 -4.15
C SER A 148 -7.30 -9.84 -5.66
N PHE A 149 -8.35 -10.54 -6.10
CA PHE A 149 -8.74 -10.73 -7.49
C PHE A 149 -10.05 -10.04 -7.76
N PRO A 150 -10.19 -9.44 -8.95
CA PRO A 150 -11.51 -9.00 -9.42
C PRO A 150 -12.17 -10.14 -10.17
N SER A 151 -13.35 -9.90 -10.76
CA SER A 151 -14.04 -10.88 -11.59
C SER A 151 -13.48 -10.86 -13.03
N ILE A 152 -12.40 -11.58 -13.28
CA ILE A 152 -11.63 -11.45 -14.53
C ILE A 152 -12.53 -11.90 -15.69
N SER A 153 -12.54 -11.13 -16.79
CA SER A 153 -13.26 -11.48 -18.05
C SER A 153 -14.80 -11.35 -18.11
N THR A 154 -15.46 -11.02 -16.99
CA THR A 154 -16.95 -10.96 -16.96
C THR A 154 -17.56 -9.57 -17.22
N GLY A 155 -16.74 -8.60 -17.56
CA GLY A 155 -17.21 -7.30 -17.97
C GLY A 155 -17.23 -7.20 -19.48
N VAL A 156 -16.45 -6.28 -20.04
CA VAL A 156 -16.42 -6.13 -21.50
C VAL A 156 -15.94 -7.39 -22.24
N TYR A 157 -15.13 -8.24 -21.58
CA TYR A 157 -14.68 -9.49 -22.20
C TYR A 157 -15.79 -10.56 -22.33
N GLY A 158 -16.91 -10.36 -21.65
CA GLY A 158 -18.13 -11.11 -21.95
C GLY A 158 -18.27 -12.52 -21.42
N TYR A 159 -17.39 -12.95 -20.51
CA TYR A 159 -17.43 -14.32 -19.99
C TYR A 159 -18.63 -14.44 -19.03
N PRO A 160 -19.56 -15.39 -19.25
CA PRO A 160 -20.70 -15.49 -18.35
C PRO A 160 -20.25 -15.68 -16.90
N ILE A 161 -20.74 -14.80 -16.03
CA ILE A 161 -20.39 -14.81 -14.60
C ILE A 161 -20.64 -16.17 -13.93
N HIS A 162 -21.73 -16.86 -14.27
CA HIS A 162 -22.03 -18.17 -13.65
C HIS A 162 -20.92 -19.19 -13.92
N GLU A 163 -20.40 -19.20 -15.15
CA GLU A 163 -19.30 -20.10 -15.52
C GLU A 163 -17.94 -19.60 -15.02
N ALA A 164 -17.69 -18.29 -15.15
CA ALA A 164 -16.41 -17.72 -14.69
C ALA A 164 -16.21 -17.92 -13.19
N ALA A 165 -17.27 -17.69 -12.40
CA ALA A 165 -17.19 -17.82 -10.95
C ALA A 165 -16.83 -19.25 -10.56
N ALA A 166 -17.44 -20.22 -11.23
CA ALA A 166 -17.08 -21.63 -11.03
C ALA A 166 -15.60 -21.88 -11.26
N ILE A 167 -15.07 -21.40 -12.39
CA ILE A 167 -13.68 -21.62 -12.76
C ILE A 167 -12.76 -20.92 -11.76
N ALA A 168 -13.08 -19.68 -11.43
CA ALA A 168 -12.27 -18.89 -10.50
C ALA A 168 -12.17 -19.56 -9.14
N LEU A 169 -13.33 -19.89 -8.58
CA LEU A 169 -13.38 -20.54 -7.28
C LEU A 169 -12.77 -21.94 -7.23
N GLN A 170 -13.09 -22.80 -8.20
CA GLN A 170 -12.49 -24.14 -8.26
C GLN A 170 -10.96 -24.07 -8.31
N THR A 171 -10.45 -23.16 -9.15
CA THR A 171 -9.01 -22.98 -9.32
C THR A 171 -8.35 -22.49 -8.03
N ILE A 172 -8.95 -21.49 -7.39
CA ILE A 172 -8.42 -20.96 -6.14
C ILE A 172 -8.45 -22.03 -5.03
N ILE A 173 -9.60 -22.65 -4.86
CA ILE A 173 -9.79 -23.71 -3.82
C ILE A 173 -8.76 -24.82 -4.00
N GLN A 174 -8.60 -25.30 -5.23
CA GLN A 174 -7.61 -26.34 -5.53
C GLN A 174 -6.19 -25.90 -5.16
N PHE A 175 -5.84 -24.68 -5.53
CA PHE A 175 -4.53 -24.15 -5.20
C PHE A 175 -4.29 -24.05 -3.68
N LEU A 176 -5.31 -23.57 -2.95
CA LEU A 176 -5.18 -23.41 -1.51
C LEU A 176 -5.20 -24.76 -0.76
N GLN A 177 -5.80 -25.79 -1.36
CA GLN A 177 -5.76 -27.15 -0.80
C GLN A 177 -4.35 -27.75 -0.88
N GLU A 178 -3.61 -27.37 -1.92
CA GLU A 178 -2.26 -27.91 -2.17
C GLU A 178 -1.11 -26.99 -1.76
N ASN A 179 -1.39 -25.73 -1.38
CA ASN A 179 -0.35 -24.72 -1.16
C ASN A 179 -0.68 -23.82 0.02
N ASP A 180 0.36 -23.39 0.73
CA ASP A 180 0.24 -22.41 1.78
C ASP A 180 0.46 -21.05 1.12
N VAL A 181 -0.56 -20.21 1.18
CA VAL A 181 -0.55 -18.89 0.56
C VAL A 181 -0.82 -17.82 1.62
N GLY A 182 -1.96 -17.92 2.31
CA GLY A 182 -2.42 -16.93 3.29
C GLY A 182 -3.86 -16.55 2.92
N LEU A 183 -4.11 -15.27 2.66
CA LEU A 183 -5.46 -14.77 2.36
C LEU A 183 -5.68 -14.52 0.87
N VAL A 184 -6.74 -15.10 0.32
CA VAL A 184 -7.16 -14.79 -1.06
C VAL A 184 -8.55 -14.17 -0.98
N LYS A 185 -8.67 -12.97 -1.53
CA LYS A 185 -9.96 -12.28 -1.63
C LYS A 185 -10.38 -12.22 -3.09
N VAL A 186 -11.66 -12.47 -3.34
CA VAL A 186 -12.29 -12.04 -4.60
C VAL A 186 -13.20 -10.83 -4.28
N VAL A 187 -12.95 -9.73 -4.98
CA VAL A 187 -13.68 -8.50 -4.80
C VAL A 187 -14.68 -8.36 -5.96
N LEU A 188 -15.97 -8.46 -5.65
CA LEU A 188 -17.03 -8.28 -6.64
C LEU A 188 -17.57 -6.87 -6.61
N PHE A 189 -17.90 -6.33 -7.78
CA PHE A 189 -18.26 -4.92 -7.91
C PHE A 189 -19.76 -4.65 -7.83
N SER A 190 -20.57 -5.71 -7.86
CA SER A 190 -22.02 -5.59 -7.73
C SER A 190 -22.54 -6.68 -6.80
N GLU A 191 -23.70 -6.40 -6.24
CA GLU A 191 -24.38 -7.36 -5.39
C GLU A 191 -24.78 -8.59 -6.20
N ARG A 192 -25.15 -8.41 -7.46
CA ARG A 192 -25.49 -9.57 -8.31
C ARG A 192 -24.30 -10.52 -8.47
N ASP A 193 -23.14 -9.98 -8.80
CA ASP A 193 -21.93 -10.80 -8.95
C ASP A 193 -21.55 -11.49 -7.65
N TYR A 194 -21.61 -10.74 -6.55
CA TYR A 194 -21.36 -11.31 -5.23
C TYR A 194 -22.33 -12.46 -4.95
N SER A 195 -23.62 -12.25 -5.23
CA SER A 195 -24.63 -13.27 -4.95
C SER A 195 -24.35 -14.58 -5.71
N ILE A 196 -23.93 -14.45 -6.96
CA ILE A 196 -23.53 -15.60 -7.79
C ILE A 196 -22.30 -16.30 -7.17
N TYR A 197 -21.30 -15.51 -6.81
CA TYR A 197 -20.09 -16.05 -6.16
C TYR A 197 -20.42 -16.80 -4.87
N GLN A 198 -21.30 -16.20 -4.05
CA GLN A 198 -21.73 -16.78 -2.78
C GLN A 198 -22.38 -18.13 -2.96
N GLU A 199 -23.33 -18.22 -3.90
CA GLU A 199 -24.02 -19.47 -4.21
C GLU A 199 -23.08 -20.55 -4.76
N LYS A 200 -22.14 -20.15 -5.61
CA LYS A 200 -21.12 -21.06 -6.12
C LYS A 200 -20.14 -21.53 -5.04
N LEU A 201 -19.67 -20.60 -4.21
CA LEU A 201 -18.72 -20.93 -3.13
C LEU A 201 -19.36 -21.89 -2.14
N LYS A 202 -20.59 -21.60 -1.72
CA LYS A 202 -21.31 -22.49 -0.80
C LYS A 202 -21.47 -23.89 -1.39
N TYR A 203 -21.77 -23.94 -2.69
CA TYR A 203 -21.87 -25.22 -3.40
C TYR A 203 -20.54 -25.99 -3.39
N LEU A 204 -19.46 -25.30 -3.72
CA LEU A 204 -18.13 -25.94 -3.78
C LEU A 204 -17.60 -26.35 -2.41
N ILE A 205 -17.90 -25.56 -1.37
CA ILE A 205 -17.54 -25.93 0.02
C ILE A 205 -18.17 -27.28 0.40
N GLU A 206 -19.42 -27.47 0.01
CA GLU A 206 -20.16 -28.69 0.33
C GLU A 206 -19.54 -29.96 -0.28
N LYS A 207 -18.85 -29.84 -1.42
CA LYS A 207 -18.17 -30.99 -2.06
C LYS A 207 -16.78 -31.32 -1.48
N ILE A 208 -16.17 -30.41 -0.71
CA ILE A 208 -14.78 -30.60 -0.23
C ILE A 208 -14.66 -31.83 0.68
N HIS B 20 7.11 -9.56 20.43
CA HIS B 20 6.17 -8.56 21.01
C HIS B 20 6.46 -7.16 20.50
N MET B 21 5.39 -6.42 20.19
CA MET B 21 5.47 -5.02 19.79
C MET B 21 4.62 -4.21 20.75
N ALA B 22 5.28 -3.45 21.62
CA ALA B 22 4.60 -2.54 22.54
C ALA B 22 3.79 -1.52 21.76
N SER B 23 2.63 -1.13 22.29
CA SER B 23 1.78 -0.11 21.70
C SER B 23 0.89 0.57 22.73
N MET B 24 0.54 1.83 22.49
CA MET B 24 -0.55 2.49 23.23
C MET B 24 -1.23 3.52 22.36
N LYS B 25 -2.51 3.77 22.66
CA LYS B 25 -3.36 4.60 21.82
C LYS B 25 -4.13 5.58 22.66
N HIS B 26 -4.36 6.77 22.10
CA HIS B 26 -5.17 7.79 22.75
C HIS B 26 -6.02 8.49 21.71
N ASN B 27 -7.31 8.58 21.99
CA ASN B 27 -8.25 9.27 21.11
C ASN B 27 -8.24 10.76 21.43
N ILE B 28 -8.19 11.58 20.38
CA ILE B 28 -8.19 13.04 20.48
C ILE B 28 -9.29 13.49 19.53
N ASN B 29 -10.43 13.87 20.11
CA ASN B 29 -11.67 14.09 19.36
C ASN B 29 -11.98 12.84 18.50
N ASP B 30 -12.18 12.98 17.19
CA ASP B 30 -12.41 11.81 16.33
C ASP B 30 -11.12 11.17 15.80
N ASN B 31 -9.95 11.70 16.19
CA ASN B 31 -8.66 11.13 15.80
C ASN B 31 -8.12 10.15 16.82
N THR B 32 -7.16 9.34 16.39
CA THR B 32 -6.45 8.43 17.29
C THR B 32 -4.95 8.61 17.06
N LEU B 33 -4.23 8.79 18.17
CA LEU B 33 -2.78 8.82 18.22
C LEU B 33 -2.29 7.49 18.80
N GLU B 34 -1.43 6.79 18.05
CA GLU B 34 -0.85 5.53 18.46
C GLU B 34 0.66 5.61 18.44
N ILE B 35 1.29 5.05 19.46
CA ILE B 35 2.72 4.82 19.45
C ILE B 35 2.92 3.31 19.44
N VAL B 36 3.89 2.85 18.62
CA VAL B 36 4.16 1.43 18.45
CA VAL B 36 4.14 1.42 18.41
C VAL B 36 5.63 1.19 18.19
N VAL B 37 6.11 0.02 18.62
CA VAL B 37 7.41 -0.48 18.22
C VAL B 37 7.20 -1.22 16.90
N GLY B 38 8.05 -0.92 15.92
CA GLY B 38 7.94 -1.60 14.66
C GLY B 38 8.86 -1.11 13.57
N ASP B 39 8.65 -1.69 12.39
CA ASP B 39 9.39 -1.32 11.19
C ASP B 39 8.39 -0.53 10.33
N ILE B 40 8.68 0.75 10.11
CA ILE B 40 7.76 1.63 9.39
C ILE B 40 7.45 1.17 7.96
N THR B 41 8.37 0.43 7.34
CA THR B 41 8.20 -0.07 5.97
C THR B 41 7.12 -1.17 5.87
N LYS B 42 6.69 -1.69 7.02
CA LYS B 42 5.63 -2.69 7.07
C LYS B 42 4.24 -2.12 7.42
N GLU B 43 4.16 -0.81 7.66
CA GLU B 43 2.89 -0.16 8.02
C GLU B 43 1.96 -0.06 6.83
N THR B 44 0.67 -0.36 7.07
CA THR B 44 -0.35 -0.27 6.02
C THR B 44 -1.21 1.02 6.11
N THR B 45 -0.68 2.06 6.73
CA THR B 45 -1.33 3.37 6.74
C THR B 45 -1.31 3.95 5.32
N ASN B 46 -2.22 4.90 5.06
CA ASN B 46 -2.26 5.56 3.74
C ASN B 46 -0.93 6.19 3.38
N VAL B 47 -0.27 6.80 4.38
CA VAL B 47 0.98 7.51 4.16
C VAL B 47 2.00 7.01 5.17
N ILE B 48 3.24 6.84 4.71
CA ILE B 48 4.39 6.80 5.63
C ILE B 48 5.34 7.98 5.41
N VAL B 49 5.96 8.44 6.48
CA VAL B 49 6.87 9.56 6.43
C VAL B 49 8.29 9.05 6.44
N ASN B 50 9.07 9.51 5.47
CA ASN B 50 10.51 9.26 5.40
C ASN B 50 11.23 10.42 6.07
N ALA B 51 12.13 10.12 7.02
CA ALA B 51 13.11 11.13 7.49
C ALA B 51 14.24 11.13 6.46
N ALA B 52 14.06 11.94 5.42
CA ALA B 52 14.91 11.96 4.23
C ALA B 52 16.17 12.80 4.43
N ASN B 53 17.06 12.65 3.46
CA ASN B 53 18.27 13.48 3.37
C ASN B 53 17.94 14.66 2.46
N GLY B 54 18.52 15.83 2.72
CA GLY B 54 18.28 17.01 1.88
C GLY B 54 18.53 16.81 0.40
N SER B 55 19.50 15.95 0.06
CA SER B 55 19.85 15.67 -1.34
C SER B 55 18.80 14.79 -2.07
N LEU B 56 17.87 14.25 -1.30
CA LEU B 56 16.95 13.20 -1.72
C LEU B 56 17.66 11.97 -2.29
N LEU B 57 18.89 11.72 -1.85
CA LEU B 57 19.61 10.51 -2.22
C LEU B 57 19.33 9.52 -1.10
N GLY B 58 19.45 8.24 -1.42
CA GLY B 58 19.17 7.18 -0.44
C GLY B 58 20.36 6.97 0.49
N GLY B 59 20.08 6.92 1.78
CA GLY B 59 21.11 6.73 2.81
C GLY B 59 20.94 5.40 3.50
N GLY B 60 21.44 5.32 4.72
CA GLY B 60 21.14 4.25 5.64
C GLY B 60 19.96 4.63 6.51
N GLY B 61 19.82 3.95 7.64
CA GLY B 61 18.77 4.25 8.61
C GLY B 61 17.38 4.01 8.03
N VAL B 62 16.41 4.81 8.49
CA VAL B 62 15.03 4.61 8.06
C VAL B 62 14.90 4.96 6.57
N ASP B 63 15.63 5.97 6.13
CA ASP B 63 15.61 6.32 4.70
C ASP B 63 16.12 5.17 3.85
N GLY B 64 17.22 4.55 4.29
CA GLY B 64 17.70 3.32 3.64
C GLY B 64 16.72 2.17 3.63
N ALA B 65 16.06 1.95 4.76
CA ALA B 65 15.05 0.90 4.85
C ALA B 65 13.90 1.16 3.87
N ILE B 66 13.42 2.40 3.85
CA ILE B 66 12.32 2.82 2.97
C ILE B 66 12.69 2.63 1.49
N HIS B 67 13.90 3.02 1.09
CA HIS B 67 14.37 2.83 -0.28
C HIS B 67 14.44 1.35 -0.61
N HIS B 68 14.95 0.52 0.30
CA HIS B 68 15.06 -0.91 0.06
C HIS B 68 13.70 -1.57 -0.10
N ALA B 69 12.76 -1.21 0.77
CA ALA B 69 11.41 -1.77 0.74
C ALA B 69 10.58 -1.24 -0.42
N ALA B 70 10.72 0.05 -0.73
CA ALA B 70 9.98 0.66 -1.84
C ALA B 70 10.42 0.18 -3.24
N GLY B 71 11.70 -0.22 -3.36
CA GLY B 71 12.30 -0.55 -4.66
C GLY B 71 12.91 0.63 -5.39
N PRO B 72 13.62 0.35 -6.51
CA PRO B 72 14.43 1.39 -7.19
C PRO B 72 13.65 2.55 -7.82
N GLU B 73 12.34 2.43 -7.99
CA GLU B 73 11.54 3.51 -8.56
C GLU B 73 11.47 4.73 -7.64
N LEU B 74 11.66 4.52 -6.32
CA LEU B 74 11.59 5.65 -5.38
C LEU B 74 12.64 6.69 -5.63
N LEU B 75 13.91 6.25 -5.67
CA LEU B 75 15.05 7.16 -5.84
C LEU B 75 14.87 7.95 -7.14
N LYS B 76 14.45 7.24 -8.19
CA LYS B 76 14.26 7.84 -9.49
C LYS B 76 13.21 8.95 -9.44
N ALA B 77 12.08 8.66 -8.78
CA ALA B 77 11.02 9.65 -8.57
C ALA B 77 11.54 10.85 -7.82
N CYS B 78 12.19 10.61 -6.68
CA CYS B 78 12.69 11.71 -5.86
C CYS B 78 13.69 12.58 -6.60
N GLN B 79 14.58 11.97 -7.37
CA GLN B 79 15.58 12.72 -8.13
C GLN B 79 14.97 13.52 -9.29
N GLU B 80 13.93 12.98 -9.92
CA GLU B 80 13.15 13.71 -10.93
C GLU B 80 12.52 14.95 -10.29
N MET B 81 11.97 14.81 -9.08
CA MET B 81 11.40 15.93 -8.36
C MET B 81 12.45 16.96 -7.95
N ARG B 82 13.63 16.47 -7.55
CA ARG B 82 14.72 17.39 -7.25
C ARG B 82 15.10 18.21 -8.49
N ASN B 83 15.20 17.56 -9.64
CA ASN B 83 15.62 18.22 -10.88
C ASN B 83 14.58 19.18 -11.43
N ASN B 84 13.29 18.83 -11.26
CA ASN B 84 12.20 19.64 -11.79
C ASN B 84 11.69 20.64 -10.77
N GLU B 85 10.77 20.23 -9.89
CA GLU B 85 10.14 21.22 -9.00
C GLU B 85 11.12 21.91 -8.03
N LEU B 86 12.19 21.23 -7.60
CA LEU B 86 13.21 21.87 -6.76
C LEU B 86 14.37 22.54 -7.53
N ASN B 87 14.44 22.33 -8.84
CA ASN B 87 15.50 22.91 -9.71
C ASN B 87 16.89 22.66 -9.09
N GLY B 88 17.14 21.42 -8.68
CA GLY B 88 18.43 21.01 -8.14
C GLY B 88 18.77 21.45 -6.72
N GLU B 89 17.86 22.16 -6.04
CA GLU B 89 18.09 22.56 -4.65
C GLU B 89 17.83 21.36 -3.74
N GLU B 90 18.31 21.46 -2.51
CA GLU B 90 17.99 20.47 -1.49
C GLU B 90 16.58 20.72 -0.97
N LEU B 91 15.95 19.64 -0.49
CA LEU B 91 14.66 19.77 0.19
C LEU B 91 14.95 20.49 1.52
N PRO B 92 14.39 21.71 1.74
CA PRO B 92 14.71 22.43 2.98
C PRO B 92 14.24 21.75 4.27
N THR B 93 15.00 21.98 5.34
CA THR B 93 14.66 21.42 6.66
C THR B 93 13.25 21.84 7.02
N GLY B 94 12.45 20.85 7.42
CA GLY B 94 11.08 21.05 7.86
C GLY B 94 10.03 21.05 6.77
N GLU B 95 10.46 21.04 5.50
CA GLU B 95 9.55 21.05 4.36
C GLU B 95 9.29 19.60 3.92
N VAL B 96 8.28 19.45 3.06
CA VAL B 96 7.84 18.15 2.59
C VAL B 96 7.67 18.08 1.07
N ILE B 97 7.90 16.89 0.52
CA ILE B 97 7.39 16.52 -0.80
C ILE B 97 6.68 15.19 -0.64
N ILE B 98 5.89 14.81 -1.64
CA ILE B 98 5.16 13.56 -1.60
C ILE B 98 5.41 12.76 -2.87
N THR B 99 5.57 11.44 -2.71
CA THR B 99 5.69 10.50 -3.82
C THR B 99 4.71 9.35 -3.58
N SER B 100 4.59 8.50 -4.58
CA SER B 100 3.92 7.22 -4.38
C SER B 100 4.63 6.34 -3.39
N GLY B 101 3.92 5.30 -2.94
CA GLY B 101 4.52 4.32 -2.05
C GLY B 101 5.30 3.22 -2.76
N PHE B 102 5.10 3.07 -4.09
CA PHE B 102 5.79 2.04 -4.88
C PHE B 102 5.55 0.66 -4.25
N GLN B 103 6.60 -0.08 -3.88
CA GLN B 103 6.46 -1.42 -3.30
C GLN B 103 6.14 -1.43 -1.79
N LEU B 104 6.01 -0.26 -1.16
CA LEU B 104 5.57 -0.18 0.23
C LEU B 104 4.09 -0.49 0.29
N PRO B 105 3.61 -1.01 1.43
CA PRO B 105 2.16 -1.21 1.58
C PRO B 105 1.36 0.07 1.77
N SER B 106 1.99 1.25 1.76
CA SER B 106 1.30 2.53 1.81
C SER B 106 1.06 3.10 0.41
N ARG B 107 0.04 3.96 0.30
CA ARG B 107 -0.26 4.65 -0.95
C ARG B 107 0.78 5.73 -1.28
N PHE B 108 1.25 6.45 -0.25
CA PHE B 108 2.17 7.58 -0.46
C PHE B 108 3.27 7.60 0.58
N ILE B 109 4.39 8.23 0.20
CA ILE B 109 5.49 8.53 1.12
C ILE B 109 5.65 10.04 1.13
N ILE B 110 5.52 10.65 2.31
CA ILE B 110 5.88 12.04 2.49
C ILE B 110 7.33 12.05 2.97
N HIS B 111 8.16 12.80 2.26
CA HIS B 111 9.58 12.94 2.53
C HIS B 111 9.79 14.27 3.21
N THR B 112 10.50 14.26 4.34
CA THR B 112 10.77 15.49 5.08
C THR B 112 12.21 15.41 5.58
N VAL B 113 12.80 16.55 5.81
CA VAL B 113 14.17 16.64 6.30
C VAL B 113 14.09 17.25 7.69
N GLY B 114 14.50 16.49 8.70
CA GLY B 114 14.54 17.02 10.05
C GLY B 114 15.81 17.84 10.28
N PRO B 115 15.83 18.62 11.36
CA PRO B 115 17.05 19.38 11.64
C PRO B 115 18.20 18.48 12.09
N ILE B 116 19.44 18.86 11.73
CA ILE B 116 20.64 18.23 12.26
C ILE B 116 20.91 18.91 13.59
N TRP B 117 21.01 18.14 14.67
CA TRP B 117 21.06 18.69 16.04
C TRP B 117 22.14 19.78 16.22
N ASN B 118 21.69 20.95 16.67
CA ASN B 118 22.52 22.14 16.99
C ASN B 118 23.22 22.86 15.80
N GLN B 119 22.92 22.45 14.56
CA GLN B 119 23.37 23.23 13.39
C GLN B 119 22.76 24.63 13.44
N THR B 120 21.48 24.71 13.82
CA THR B 120 20.75 25.98 13.92
C THR B 120 19.93 25.99 15.24
N PRO B 121 20.61 26.18 16.40
CA PRO B 121 19.95 26.01 17.71
C PRO B 121 18.68 26.84 17.93
N ASP B 122 18.66 28.09 17.45
CA ASP B 122 17.52 28.99 17.63
C ASP B 122 16.24 28.56 16.90
N LEU B 123 16.39 27.88 15.77
CA LEU B 123 15.26 27.51 14.90
C LEU B 123 14.89 26.03 14.92
N GLN B 124 15.73 25.17 15.50
CA GLN B 124 15.58 23.71 15.32
C GLN B 124 14.31 23.10 15.93
N GLU B 125 13.84 23.65 17.05
CA GLU B 125 12.56 23.19 17.65
C GLU B 125 11.40 23.44 16.69
N GLU B 126 11.35 24.66 16.15
CA GLU B 126 10.33 25.07 15.17
C GLU B 126 10.44 24.22 13.90
N LEU B 127 11.67 24.01 13.43
CA LEU B 127 11.91 23.25 12.18
C LEU B 127 11.49 21.79 12.33
N LEU B 128 11.82 21.17 13.46
CA LEU B 128 11.35 19.79 13.70
C LEU B 128 9.80 19.75 13.72
N ALA B 129 9.18 20.68 14.45
CA ALA B 129 7.72 20.77 14.48
C ALA B 129 7.14 20.93 13.06
N ASN B 130 7.81 21.71 12.22
CA ASN B 130 7.39 21.90 10.83
C ASN B 130 7.28 20.59 10.07
N CYS B 131 8.18 19.64 10.31
CA CYS B 131 8.10 18.33 9.66
C CYS B 131 6.72 17.68 9.89
N TYR B 132 6.30 17.69 11.14
CA TYR B 132 5.05 17.04 11.54
C TYR B 132 3.85 17.84 11.03
N ARG B 133 3.87 19.16 11.25
CA ARG B 133 2.79 20.05 10.83
C ARG B 133 2.55 20.01 9.32
N ASN B 134 3.64 20.14 8.56
CA ASN B 134 3.54 20.13 7.10
C ASN B 134 3.08 18.80 6.54
N ALA B 135 3.53 17.71 7.15
CA ALA B 135 3.09 16.38 6.75
C ALA B 135 1.61 16.17 7.06
N LEU B 136 1.15 16.62 8.23
CA LEU B 136 -0.25 16.45 8.63
C LEU B 136 -1.19 17.30 7.76
N GLU B 137 -0.78 18.52 7.46
CA GLU B 137 -1.56 19.37 6.54
C GLU B 137 -1.71 18.73 5.17
N LEU B 138 -0.64 18.10 4.68
CA LEU B 138 -0.70 17.41 3.39
C LEU B 138 -1.66 16.20 3.42
N VAL B 139 -1.64 15.44 4.51
CA VAL B 139 -2.62 14.38 4.73
C VAL B 139 -4.07 14.90 4.63
N LYS B 140 -4.31 16.05 5.26
CA LYS B 140 -5.62 16.72 5.21
C LYS B 140 -6.02 17.11 3.80
N VAL B 141 -5.13 17.85 3.13
CA VAL B 141 -5.32 18.33 1.75
C VAL B 141 -5.74 17.19 0.84
N LYS B 142 -5.02 16.07 0.91
CA LYS B 142 -5.29 14.93 0.05
C LYS B 142 -6.41 14.00 0.55
N LYS B 143 -7.09 14.39 1.64
CA LYS B 143 -8.19 13.62 2.25
C LYS B 143 -7.79 12.17 2.48
N LEU B 144 -6.59 12.02 3.05
CA LEU B 144 -6.08 10.75 3.47
C LEU B 144 -6.39 10.74 4.95
N SER B 145 -6.44 9.55 5.51
CA SER B 145 -6.96 9.36 6.86
C SER B 145 -6.02 8.59 7.79
N SER B 146 -4.83 8.22 7.33
CA SER B 146 -3.87 7.58 8.21
C SER B 146 -2.43 7.87 7.75
N ILE B 147 -1.55 8.03 8.73
CA ILE B 147 -0.15 8.40 8.51
C ILE B 147 0.74 7.82 9.61
N SER B 148 1.91 7.32 9.21
CA SER B 148 2.92 6.85 10.17
C SER B 148 4.18 7.71 10.06
N PHE B 149 4.69 8.13 11.23
CA PHE B 149 5.93 8.87 11.40
C PHE B 149 6.98 7.99 12.06
N PRO B 150 8.24 8.12 11.62
CA PRO B 150 9.36 7.58 12.41
C PRO B 150 9.82 8.61 13.44
N SER B 151 10.90 8.31 14.17
CA SER B 151 11.53 9.28 15.08
C SER B 151 12.47 10.25 14.34
N ILE B 152 11.90 11.31 13.77
CA ILE B 152 12.66 12.18 12.84
C ILE B 152 13.83 12.83 13.59
N SER B 153 15.02 12.78 13.01
CA SER B 153 16.24 13.48 13.51
C SER B 153 17.01 12.86 14.70
N THR B 154 16.50 11.78 15.29
CA THR B 154 17.12 11.20 16.51
C THR B 154 18.09 10.06 16.24
N GLY B 155 18.40 9.78 14.97
CA GLY B 155 19.45 8.83 14.60
C GLY B 155 20.74 9.57 14.29
N VAL B 156 21.19 9.45 13.04
CA VAL B 156 22.43 10.12 12.65
CA VAL B 156 22.41 10.13 12.56
C VAL B 156 22.35 11.64 12.85
N TYR B 157 21.16 12.24 12.70
CA TYR B 157 21.01 13.69 12.87
C TYR B 157 21.18 14.16 14.32
N GLY B 158 21.14 13.24 15.28
CA GLY B 158 21.64 13.51 16.62
C GLY B 158 20.73 14.24 17.60
N TYR B 159 19.46 14.44 17.26
CA TYR B 159 18.54 15.19 18.12
C TYR B 159 18.22 14.33 19.36
N PRO B 160 18.48 14.85 20.57
CA PRO B 160 18.16 14.03 21.75
C PRO B 160 16.71 13.56 21.75
N ILE B 161 16.53 12.25 21.86
CA ILE B 161 15.19 11.62 21.84
C ILE B 161 14.22 12.22 22.88
N HIS B 162 14.71 12.54 24.08
CA HIS B 162 13.82 13.10 25.12
C HIS B 162 13.18 14.41 24.67
N GLU B 163 13.98 15.27 24.03
CA GLU B 163 13.49 16.54 23.52
C GLU B 163 12.70 16.38 22.21
N ALA B 164 13.22 15.58 21.30
CA ALA B 164 12.51 15.33 20.01
C ALA B 164 11.12 14.75 20.22
N ALA B 165 11.01 13.76 21.13
CA ALA B 165 9.72 13.11 21.41
C ALA B 165 8.71 14.11 21.93
N ALA B 166 9.14 15.01 22.81
CA ALA B 166 8.28 16.09 23.30
C ALA B 166 7.75 16.97 22.16
N ILE B 167 8.65 17.38 21.27
CA ILE B 167 8.26 18.26 20.16
C ILE B 167 7.32 17.51 19.21
N ALA B 168 7.66 16.26 18.89
CA ALA B 168 6.85 15.46 17.98
C ALA B 168 5.42 15.27 18.53
N LEU B 169 5.33 14.83 19.78
CA LEU B 169 4.03 14.58 20.39
C LEU B 169 3.20 15.85 20.63
N GLN B 170 3.82 16.90 21.15
CA GLN B 170 3.12 18.18 21.36
C GLN B 170 2.54 18.70 20.03
N THR B 171 3.35 18.64 18.98
CA THR B 171 2.92 19.10 17.66
C THR B 171 1.77 18.29 17.11
N ILE B 172 1.88 16.98 17.18
CA ILE B 172 0.82 16.08 16.72
C ILE B 172 -0.46 16.29 17.51
N ILE B 173 -0.36 16.27 18.83
CA ILE B 173 -1.52 16.45 19.72
C ILE B 173 -2.25 17.75 19.37
N GLN B 174 -1.48 18.84 19.27
CA GLN B 174 -2.05 20.17 18.94
C GLN B 174 -2.78 20.16 17.60
N PHE B 175 -2.17 19.53 16.60
CA PHE B 175 -2.80 19.40 15.29
C PHE B 175 -4.11 18.62 15.36
N LEU B 176 -4.10 17.50 16.09
CA LEU B 176 -5.28 16.65 16.16
C LEU B 176 -6.39 17.26 17.03
N GLN B 177 -6.03 18.15 17.94
CA GLN B 177 -7.04 18.90 18.72
C GLN B 177 -7.81 19.89 17.83
N GLU B 178 -7.13 20.44 16.82
CA GLU B 178 -7.70 21.46 15.93
C GLU B 178 -8.17 20.94 14.57
N ASN B 179 -7.89 19.68 14.23
CA ASN B 179 -8.13 19.16 12.88
C ASN B 179 -8.59 17.72 12.90
N ASP B 180 -9.47 17.39 11.96
CA ASP B 180 -9.90 16.02 11.74
C ASP B 180 -8.95 15.42 10.72
N VAL B 181 -8.23 14.38 11.16
CA VAL B 181 -7.24 13.69 10.35
C VAL B 181 -7.60 12.21 10.22
N GLY B 182 -7.71 11.51 11.35
CA GLY B 182 -7.94 10.07 11.39
C GLY B 182 -6.91 9.47 12.33
N LEU B 183 -6.07 8.57 11.81
CA LEU B 183 -5.08 7.84 12.62
C LEU B 183 -3.65 8.34 12.39
N VAL B 184 -2.97 8.75 13.46
CA VAL B 184 -1.56 9.11 13.39
C VAL B 184 -0.81 8.08 14.24
N LYS B 185 0.15 7.40 13.62
CA LYS B 185 1.02 6.45 14.31
C LYS B 185 2.43 7.04 14.35
N VAL B 186 3.10 6.92 15.50
CA VAL B 186 4.56 7.06 15.55
C VAL B 186 5.14 5.65 15.71
N VAL B 187 6.07 5.28 14.82
CA VAL B 187 6.67 3.96 14.82
C VAL B 187 8.09 4.10 15.33
N LEU B 188 8.34 3.57 16.54
CA LEU B 188 9.68 3.56 17.13
C LEU B 188 10.42 2.28 16.83
N PHE B 189 11.72 2.39 16.60
CA PHE B 189 12.52 1.26 16.15
C PHE B 189 13.22 0.49 17.26
N SER B 190 13.16 1.00 18.50
CA SER B 190 13.73 0.33 19.66
C SER B 190 12.78 0.46 20.83
N GLU B 191 12.89 -0.47 21.77
CA GLU B 191 12.11 -0.43 23.01
C GLU B 191 12.45 0.81 23.82
N ARG B 192 13.72 1.20 23.84
CA ARG B 192 14.14 2.41 24.56
C ARG B 192 13.40 3.64 24.04
N ASP B 193 13.39 3.82 22.72
CA ASP B 193 12.72 4.99 22.12
C ASP B 193 11.23 4.94 22.39
N TYR B 194 10.62 3.77 22.26
CA TYR B 194 9.23 3.58 22.60
C TYR B 194 8.97 3.96 24.07
N SER B 195 9.82 3.49 24.97
CA SER B 195 9.63 3.76 26.41
C SER B 195 9.61 5.27 26.71
N ILE B 196 10.51 6.00 26.05
CA ILE B 196 10.61 7.46 26.16
C ILE B 196 9.36 8.13 25.60
N TYR B 197 8.92 7.68 24.42
CA TYR B 197 7.66 8.16 23.84
C TYR B 197 6.47 7.92 24.76
N GLN B 198 6.40 6.71 25.33
CA GLN B 198 5.31 6.33 26.22
C GLN B 198 5.23 7.25 27.43
N GLU B 199 6.36 7.46 28.10
CA GLU B 199 6.42 8.34 29.26
C GLU B 199 6.07 9.79 28.92
N LYS B 200 6.53 10.27 27.77
CA LYS B 200 6.17 11.61 27.31
C LYS B 200 4.69 11.75 26.94
N LEU B 201 4.16 10.76 26.22
CA LEU B 201 2.75 10.75 25.84
C LEU B 201 1.84 10.73 27.06
N LYS B 202 2.13 9.85 28.01
CA LYS B 202 1.34 9.78 29.24
C LYS B 202 1.36 11.12 29.99
N TYR B 203 2.53 11.75 30.02
CA TYR B 203 2.67 13.07 30.64
C TYR B 203 1.83 14.13 29.93
N LEU B 204 1.89 14.16 28.60
CA LEU B 204 1.14 15.16 27.82
C LEU B 204 -0.36 14.93 27.82
N ILE B 205 -0.80 13.66 27.86
CA ILE B 205 -2.23 13.33 28.03
C ILE B 205 -2.78 13.93 29.33
N GLU B 206 -2.01 13.84 30.41
CA GLU B 206 -2.42 14.34 31.72
C GLU B 206 -2.67 15.86 31.74
N LYS B 207 -1.98 16.62 30.87
CA LYS B 207 -2.17 18.09 30.80
C LYS B 207 -3.34 18.53 29.91
N ILE B 208 -3.92 17.63 29.11
CA ILE B 208 -4.98 18.00 28.14
C ILE B 208 -6.24 18.48 28.87
#